data_6HCE
#
_entry.id   6HCE
#
_cell.length_a   110.008
_cell.length_b   110.008
_cell.length_c   71.629
_cell.angle_alpha   90.00
_cell.angle_beta   90.00
_cell.angle_gamma   120.00
#
_symmetry.space_group_name_H-M   'P 32 2 1'
#
loop_
_entity.id
_entity.type
_entity.pdbx_description
1 polymer 'Riboflavin-binding protein'
2 non-polymer 2-acetamido-2-deoxy-beta-D-glucopyranose
3 non-polymer GLYCEROL
4 non-polymer 'SULFATE ION'
5 non-polymer 'ACETATE ION'
6 non-polymer 'CHLORIDE ION'
7 non-polymer 1,2-ETHANEDIOL
8 water water
#
_entity_poly.entity_id   1
_entity_poly.type   'polypeptide(L)'
_entity_poly.pdbx_seq_one_letter_code
;MLRFAITLFAVITSSTCQQYGCLEGDTHKANPSPEPNMHECTLYSESSCCYANFTEQLAHSPIIKVSNSYWNRCGQLSKS
CEDFTKKIECFYRCSPHAARWIDPRYTAAIQSVPLCQSFCDDWYEACKDDSICAHNWLTDWERDESGENHCKSKCVPYSE
MYANGTDMCQSMWGESFKVSESSCLCLQMNKKDMVAIKHLLSE(SEP)(SEP)EE(SEP)(SEP)(SEP)M(SEP)
(SEP)(SEP)EEHACQKKLLKFEALQQEEGEERR
;
_entity_poly.pdbx_strand_id   A
#
# COMPACT_ATOMS: atom_id res chain seq x y z
N GLY A 21 -14.21 8.43 8.70
CA GLY A 21 -12.98 9.10 9.20
C GLY A 21 -11.75 8.83 8.35
N CYS A 22 -10.76 9.71 8.45
CA CYS A 22 -9.46 9.48 7.84
C CYS A 22 -8.44 9.30 8.94
N LEU A 23 -7.30 8.72 8.58
CA LEU A 23 -6.15 8.64 9.47
C LEU A 23 -5.72 10.05 9.84
N GLU A 24 -5.11 10.20 11.03
CA GLU A 24 -4.62 11.50 11.49
C GLU A 24 -3.13 11.58 11.25
N GLY A 25 -2.76 11.34 9.99
CA GLY A 25 -1.38 11.47 9.56
C GLY A 25 -1.08 12.84 8.99
N ASP A 26 0.17 12.97 8.54
CA ASP A 26 0.76 14.23 8.06
C ASP A 26 -0.13 14.94 7.03
N THR A 27 -0.63 14.17 6.06
CA THR A 27 -1.21 14.69 4.83
C THR A 27 -2.71 14.52 4.67
N HIS A 28 -3.32 13.75 5.57
CA HIS A 28 -4.68 13.31 5.35
C HIS A 28 -5.69 14.43 5.56
N LYS A 29 -6.76 14.37 4.78
CA LYS A 29 -7.94 15.18 5.01
C LYS A 29 -8.58 14.82 6.35
N ALA A 30 -9.57 15.60 6.78
CA ALA A 30 -10.31 15.32 8.01
C ALA A 30 -11.24 14.15 7.81
N ASN A 31 -11.83 14.11 6.63
CA ASN A 31 -12.89 13.16 6.29
C ASN A 31 -12.87 12.89 4.80
N PRO A 32 -13.24 11.67 4.39
CA PRO A 32 -13.18 11.37 2.97
C PRO A 32 -14.22 12.16 2.17
N SER A 33 -13.80 12.69 1.02
CA SER A 33 -14.71 13.38 0.12
C SER A 33 -14.24 13.17 -1.31
N PRO A 34 -15.11 13.42 -2.31
CA PRO A 34 -14.65 13.28 -3.69
C PRO A 34 -13.44 14.17 -3.95
N GLU A 35 -12.67 13.82 -4.96
CA GLU A 35 -11.43 14.51 -5.27
C GLU A 35 -11.19 14.45 -6.79
N PRO A 36 -11.66 15.49 -7.52
CA PRO A 36 -11.79 15.43 -8.98
C PRO A 36 -10.52 15.29 -9.81
N ASN A 37 -9.44 15.96 -9.40
CA ASN A 37 -8.26 16.08 -10.25
C ASN A 37 -7.05 15.30 -9.74
N MET A 38 -7.29 14.04 -9.38
CA MET A 38 -6.23 13.17 -8.94
C MET A 38 -5.39 12.69 -10.11
N HIS A 39 -4.08 12.74 -9.93
CA HIS A 39 -3.10 12.36 -10.93
C HIS A 39 -2.74 10.88 -10.83
N GLU A 40 -3.02 10.31 -9.67
CA GLU A 40 -2.76 8.89 -9.42
CA GLU A 40 -2.73 8.90 -9.39
C GLU A 40 -3.64 8.56 -8.22
N CYS A 41 -3.68 7.29 -7.83
CA CYS A 41 -4.53 6.84 -6.73
C CYS A 41 -6.03 7.00 -7.09
N THR A 42 -6.34 7.01 -8.39
CA THR A 42 -7.70 7.33 -8.86
C THR A 42 -8.72 6.26 -8.50
N LEU A 43 -8.26 5.09 -8.09
CA LEU A 43 -9.12 4.13 -7.44
C LEU A 43 -9.94 4.80 -6.33
N TYR A 44 -9.39 5.84 -5.69
CA TYR A 44 -10.06 6.51 -4.58
C TYR A 44 -10.68 7.87 -4.93
N SER A 45 -10.73 8.21 -6.21
CA SER A 45 -11.16 9.56 -6.68
C SER A 45 -12.48 10.06 -6.05
N GLU A 46 -13.51 9.23 -6.11
CA GLU A 46 -14.84 9.68 -5.69
C GLU A 46 -15.10 9.58 -4.18
N SER A 47 -14.10 9.10 -3.45
CA SER A 47 -14.07 9.26 -2.00
C SER A 47 -12.63 9.03 -1.52
N SER A 48 -11.95 10.13 -1.20
CA SER A 48 -10.51 10.09 -0.93
C SER A 48 -10.17 10.76 0.37
N CYS A 49 -9.17 10.20 1.07
CA CYS A 49 -8.56 10.82 2.26
C CYS A 49 -7.28 11.62 1.93
N CYS A 50 -6.89 11.68 0.66
CA CYS A 50 -5.78 12.56 0.26
C CYS A 50 -6.27 13.71 -0.61
N TYR A 51 -5.63 14.86 -0.49
CA TYR A 51 -5.82 15.94 -1.46
C TYR A 51 -5.15 15.56 -2.77
N ALA A 52 -5.69 16.04 -3.88
CA ALA A 52 -5.11 15.75 -5.18
C ALA A 52 -3.63 16.16 -5.28
N ASN A 53 -3.24 17.23 -4.59
CA ASN A 53 -1.83 17.68 -4.66
C ASN A 53 -0.84 16.60 -4.24
N PHE A 54 -1.24 15.76 -3.29
CA PHE A 54 -0.36 14.66 -2.89
C PHE A 54 -0.05 13.75 -4.07
N THR A 55 -1.04 13.53 -4.94
CA THR A 55 -0.87 12.59 -6.04
C THR A 55 0.12 13.06 -7.13
N GLU A 56 0.35 14.35 -7.24
CA GLU A 56 1.25 14.89 -8.28
C GLU A 56 2.60 14.18 -8.30
N GLN A 57 3.14 13.96 -7.10
CA GLN A 57 4.41 13.28 -6.87
C GLN A 57 4.55 11.92 -7.54
N LEU A 58 3.42 11.22 -7.70
CA LEU A 58 3.41 9.86 -8.19
C LEU A 58 3.09 9.76 -9.70
N ALA A 59 2.80 10.88 -10.33
CA ALA A 59 2.33 10.89 -11.72
C ALA A 59 3.37 10.40 -12.71
N HIS A 60 4.65 10.60 -12.39
CA HIS A 60 5.70 10.28 -13.34
C HIS A 60 6.65 9.21 -12.83
N SER A 61 6.86 8.21 -13.68
CA SER A 61 7.78 7.13 -13.44
C SER A 61 9.01 7.42 -14.31
N PRO A 62 10.22 7.25 -13.78
CA PRO A 62 10.49 6.68 -12.45
C PRO A 62 10.21 7.64 -11.30
N ILE A 63 9.61 7.10 -10.23
CA ILE A 63 9.38 7.84 -9.00
C ILE A 63 10.65 7.81 -8.18
N ILE A 64 11.28 8.97 -8.01
CA ILE A 64 12.53 9.06 -7.27
C ILE A 64 12.29 9.27 -5.78
N LYS A 65 11.38 10.17 -5.47
CA LYS A 65 11.24 10.68 -4.12
C LYS A 65 9.79 11.07 -3.86
N VAL A 66 9.23 10.55 -2.77
CA VAL A 66 7.89 10.87 -2.36
C VAL A 66 7.99 11.45 -0.97
N SER A 67 7.50 12.68 -0.84
CA SER A 67 7.63 13.44 0.39
C SER A 67 9.12 13.58 0.74
N ASN A 68 9.56 13.04 1.88
CA ASN A 68 10.98 13.11 2.25
C ASN A 68 11.74 11.81 1.98
N SER A 69 11.10 10.86 1.31
CA SER A 69 11.64 9.52 1.19
C SER A 69 12.06 9.19 -0.23
N TYR A 70 13.33 8.84 -0.40
CA TYR A 70 13.83 8.34 -1.67
C TYR A 70 13.40 6.90 -1.89
N TRP A 71 12.92 6.60 -3.09
CA TRP A 71 12.48 5.25 -3.47
C TRP A 71 13.54 4.51 -4.25
N ASN A 72 14.68 5.14 -4.49
CA ASN A 72 15.71 4.58 -5.36
C ASN A 72 17.01 4.25 -4.64
N ARG A 73 16.95 4.01 -3.33
CA ARG A 73 18.17 3.87 -2.53
C ARG A 73 19.03 2.67 -2.88
N CYS A 74 18.44 1.58 -3.36
CA CYS A 74 19.26 0.48 -3.84
C CYS A 74 19.18 0.36 -5.36
N GLY A 75 18.93 1.47 -6.04
CA GLY A 75 18.71 1.44 -7.47
C GLY A 75 17.29 1.77 -7.83
N GLN A 76 17.04 1.90 -9.12
CA GLN A 76 15.75 2.27 -9.63
C GLN A 76 14.90 1.02 -9.76
N LEU A 77 13.78 1.00 -9.05
CA LEU A 77 12.85 -0.10 -9.12
C LEU A 77 12.34 -0.34 -10.54
N SER A 78 12.22 -1.61 -10.91
CA SER A 78 11.47 -2.00 -12.09
C SER A 78 10.06 -1.41 -12.01
N LYS A 79 9.46 -1.22 -13.16
CA LYS A 79 8.17 -0.56 -13.28
C LYS A 79 7.09 -1.24 -12.47
N SER A 80 6.93 -2.55 -12.64
CA SER A 80 5.86 -3.30 -11.95
C SER A 80 6.04 -3.33 -10.45
N CYS A 81 7.29 -3.35 -10.00
CA CYS A 81 7.58 -3.28 -8.57
C CYS A 81 7.17 -1.92 -8.02
N GLU A 82 7.51 -0.89 -8.80
CA GLU A 82 7.12 0.48 -8.46
C GLU A 82 5.61 0.59 -8.39
N ASP A 83 4.91 0.00 -9.37
CA ASP A 83 3.45 -0.01 -9.35
C ASP A 83 2.90 -0.53 -8.03
N PHE A 84 3.44 -1.65 -7.56
CA PHE A 84 2.91 -2.25 -6.33
C PHE A 84 3.17 -1.34 -5.14
N THR A 85 4.39 -0.79 -5.06
CA THR A 85 4.76 0.11 -3.99
C THR A 85 3.88 1.37 -3.99
N LYS A 86 3.54 1.82 -5.19
CA LYS A 86 2.63 2.95 -5.36
C LYS A 86 1.20 2.64 -4.89
N LYS A 87 0.73 1.42 -5.15
CA LYS A 87 -0.61 1.00 -4.70
C LYS A 87 -0.76 1.08 -3.18
N ILE A 88 0.28 0.68 -2.46
CA ILE A 88 0.28 0.74 -1.00
C ILE A 88 0.39 2.18 -0.49
N GLU A 89 1.20 3.01 -1.16
CA GLU A 89 1.26 4.42 -0.82
C GLU A 89 -0.13 5.05 -1.00
N CYS A 90 -0.77 4.78 -2.13
CA CYS A 90 -2.12 5.30 -2.40
C CYS A 90 -3.15 4.83 -1.39
N PHE A 91 -3.07 3.59 -0.97
CA PHE A 91 -3.98 3.07 0.05
C PHE A 91 -3.79 3.85 1.34
N TYR A 92 -2.57 3.93 1.85
CA TYR A 92 -2.30 4.56 3.14
C TYR A 92 -2.75 6.02 3.12
N ARG A 93 -2.44 6.69 2.02
CA ARG A 93 -2.64 8.13 1.92
C ARG A 93 -4.06 8.50 1.49
N CYS A 94 -4.71 7.67 0.67
CA CYS A 94 -5.97 8.08 0.03
C CYS A 94 -7.21 7.22 0.32
N SER A 95 -7.03 5.96 0.74
CA SER A 95 -8.18 5.09 0.92
C SER A 95 -9.14 5.69 1.94
N PRO A 96 -10.43 5.72 1.60
CA PRO A 96 -11.40 6.20 2.58
C PRO A 96 -11.69 5.20 3.69
N HIS A 97 -11.16 3.98 3.59
CA HIS A 97 -11.42 2.93 4.60
C HIS A 97 -10.19 2.49 5.39
N ALA A 98 -9.03 3.08 5.13
CA ALA A 98 -7.83 2.71 5.87
C ALA A 98 -8.01 2.95 7.37
N ALA A 99 -8.68 4.06 7.72
CA ALA A 99 -8.90 4.43 9.12
C ALA A 99 -9.70 3.40 9.93
N ARG A 100 -10.36 2.48 9.25
CA ARG A 100 -11.07 1.41 9.93
C ARG A 100 -10.09 0.45 10.60
N TRP A 101 -8.83 0.50 10.17
CA TRP A 101 -7.74 -0.24 10.83
C TRP A 101 -6.81 0.69 11.64
N ILE A 102 -7.33 1.82 12.07
CA ILE A 102 -6.49 2.77 12.80
C ILE A 102 -6.04 2.19 14.14
N ASP A 103 -4.77 2.42 14.46
CA ASP A 103 -4.24 2.14 15.79
C ASP A 103 -4.74 3.28 16.67
N PRO A 104 -5.54 2.98 17.71
CA PRO A 104 -6.12 4.08 18.49
C PRO A 104 -5.10 4.89 19.31
N ARG A 105 -3.96 4.31 19.65
CA ARG A 105 -2.92 4.99 20.42
C ARG A 105 -1.87 5.67 19.53
N TYR A 106 -1.86 5.32 18.24
CA TYR A 106 -1.05 6.02 17.23
C TYR A 106 -1.89 6.26 15.98
N THR A 107 -2.56 7.41 15.94
CA THR A 107 -3.63 7.64 14.94
C THR A 107 -3.15 7.90 13.50
N ALA A 108 -1.84 7.92 13.26
CA ALA A 108 -1.32 7.96 11.90
C ALA A 108 -0.99 6.57 11.39
N ALA A 109 -1.06 5.57 12.27
CA ALA A 109 -0.69 4.20 11.93
C ALA A 109 -1.90 3.30 11.71
N ILE A 110 -1.71 2.28 10.88
CA ILE A 110 -2.71 1.24 10.65
C ILE A 110 -2.21 -0.07 11.26
N GLN A 111 -3.13 -0.97 11.54
CA GLN A 111 -2.72 -2.31 11.95
C GLN A 111 -3.66 -3.42 11.49
N SER A 112 -3.02 -4.47 10.93
CA SER A 112 -3.67 -5.70 10.56
C SER A 112 -4.64 -5.53 9.41
N VAL A 113 -4.28 -4.65 8.48
CA VAL A 113 -5.02 -4.51 7.24
C VAL A 113 -4.81 -5.83 6.50
N PRO A 114 -5.90 -6.55 6.19
CA PRO A 114 -5.80 -7.86 5.55
C PRO A 114 -5.55 -7.78 4.05
N LEU A 115 -4.32 -8.10 3.64
CA LEU A 115 -3.99 -8.16 2.22
C LEU A 115 -4.22 -9.56 1.65
N CYS A 116 -4.70 -9.61 0.41
CA CYS A 116 -4.84 -10.88 -0.28
C CYS A 116 -3.46 -11.45 -0.54
N GLN A 117 -3.34 -12.78 -0.44
CA GLN A 117 -2.07 -13.44 -0.65
C GLN A 117 -1.64 -13.33 -2.10
N SER A 118 -2.60 -13.49 -3.00
CA SER A 118 -2.35 -13.39 -4.44
C SER A 118 -1.71 -12.05 -4.77
N PHE A 119 -2.17 -11.00 -4.08
CA PHE A 119 -1.62 -9.66 -4.22
C PHE A 119 -0.16 -9.64 -3.77
N CYS A 120 0.06 -10.13 -2.55
CA CYS A 120 1.41 -10.18 -1.99
C CYS A 120 2.32 -11.04 -2.84
N ASP A 121 1.80 -12.16 -3.36
CA ASP A 121 2.61 -13.03 -4.21
C ASP A 121 3.00 -12.35 -5.52
N ASP A 122 2.04 -11.70 -6.18
CA ASP A 122 2.34 -11.01 -7.44
C ASP A 122 3.36 -9.90 -7.21
N TRP A 123 3.27 -9.26 -6.05
CA TRP A 123 4.14 -8.16 -5.70
C TRP A 123 5.57 -8.67 -5.58
N TYR A 124 5.72 -9.71 -4.78
CA TYR A 124 7.02 -10.34 -4.59
C TYR A 124 7.64 -10.72 -5.93
N GLU A 125 6.82 -11.30 -6.79
CA GLU A 125 7.27 -11.72 -8.11
C GLU A 125 7.73 -10.51 -8.93
N ALA A 126 6.99 -9.41 -8.83
CA ALA A 126 7.34 -8.18 -9.52
C ALA A 126 8.66 -7.59 -9.00
N CYS A 127 8.92 -7.73 -7.71
CA CYS A 127 10.11 -7.13 -7.07
C CYS A 127 11.30 -8.09 -6.86
N LYS A 128 11.12 -9.37 -7.16
CA LYS A 128 12.08 -10.39 -6.72
C LYS A 128 13.53 -10.07 -7.10
N ASP A 129 13.75 -9.45 -8.25
CA ASP A 129 15.10 -9.10 -8.72
C ASP A 129 15.48 -7.66 -8.47
N ASP A 130 14.53 -6.86 -7.98
CA ASP A 130 14.86 -5.52 -7.50
C ASP A 130 15.61 -5.65 -6.18
N SER A 131 16.23 -4.55 -5.73
CA SER A 131 17.03 -4.53 -4.52
CA SER A 131 16.99 -4.58 -4.49
C SER A 131 16.48 -3.58 -3.46
N ILE A 132 16.73 -3.91 -2.20
CA ILE A 132 16.16 -3.18 -1.07
C ILE A 132 17.11 -3.30 0.12
N CYS A 133 17.09 -2.33 1.02
CA CYS A 133 17.95 -2.31 2.20
C CYS A 133 17.23 -2.14 3.53
N ALA A 134 15.90 -2.04 3.50
CA ALA A 134 15.09 -1.92 4.72
C ALA A 134 14.13 -3.08 4.76
N HIS A 135 14.35 -3.98 5.70
CA HIS A 135 13.44 -5.10 5.88
C HIS A 135 12.08 -4.54 6.21
N ASN A 136 12.06 -3.60 7.14
CA ASN A 136 10.87 -2.85 7.48
C ASN A 136 11.05 -1.45 6.92
N TRP A 137 10.19 -1.07 5.97
CA TRP A 137 10.40 0.15 5.18
C TRP A 137 10.08 1.40 5.99
N LEU A 138 9.41 1.23 7.11
CA LEU A 138 9.06 2.36 7.97
C LEU A 138 10.17 2.69 8.96
N THR A 139 10.73 1.67 9.60
CA THR A 139 11.66 1.84 10.70
C THR A 139 13.17 1.71 10.37
N ASP A 140 13.53 0.89 9.39
CA ASP A 140 14.91 0.46 9.22
C ASP A 140 15.77 1.41 8.37
N TRP A 141 15.60 2.72 8.52
CA TRP A 141 16.45 3.68 7.83
C TRP A 141 17.23 4.57 8.81
N GLU A 142 18.33 5.14 8.35
CA GLU A 142 18.94 6.29 9.02
C GLU A 142 18.24 7.52 8.46
N ARG A 143 17.65 8.34 9.34
CA ARG A 143 17.00 9.58 8.91
CA ARG A 143 17.03 9.58 8.89
C ARG A 143 17.84 10.79 9.30
N ASP A 144 18.27 11.55 8.29
CA ASP A 144 19.15 12.70 8.47
C ASP A 144 18.41 13.98 8.90
N GLU A 145 19.16 15.08 8.98
CA GLU A 145 18.64 16.37 9.43
C GLU A 145 17.40 16.82 8.69
N SER A 146 17.42 16.64 7.37
CA SER A 146 16.32 17.10 6.53
C SER A 146 15.19 16.06 6.40
N GLY A 147 15.21 15.01 7.20
CA GLY A 147 14.18 13.96 7.17
C GLY A 147 14.32 12.90 6.08
N GLU A 148 15.46 12.86 5.40
CA GLU A 148 15.64 11.97 4.27
C GLU A 148 16.29 10.65 4.69
N ASN A 149 15.88 9.57 4.03
CA ASN A 149 16.22 8.22 4.40
C ASN A 149 17.53 7.72 3.78
N HIS A 150 18.29 6.99 4.58
CA HIS A 150 19.54 6.39 4.13
C HIS A 150 19.64 4.96 4.63
N CYS A 151 20.06 4.06 3.74
CA CYS A 151 20.33 2.66 4.09
C CYS A 151 21.32 2.58 5.26
N LYS A 152 21.03 1.68 6.19
CA LYS A 152 21.98 1.22 7.17
C LYS A 152 22.42 -0.19 6.80
N SER A 153 21.46 -1.11 6.70
CA SER A 153 21.73 -2.45 6.16
C SER A 153 22.22 -2.40 4.71
N LYS A 154 22.67 -3.54 4.21
CA LYS A 154 23.14 -3.68 2.83
C LYS A 154 22.00 -3.84 1.85
N CYS A 155 22.18 -3.32 0.63
CA CYS A 155 21.24 -3.57 -0.46
C CYS A 155 21.32 -5.06 -0.85
N VAL A 156 20.16 -5.73 -0.82
CA VAL A 156 20.02 -7.10 -1.27
C VAL A 156 18.77 -7.20 -2.14
N PRO A 157 18.66 -8.26 -2.95
CA PRO A 157 17.42 -8.44 -3.68
C PRO A 157 16.25 -8.70 -2.74
N TYR A 158 15.05 -8.36 -3.18
CA TYR A 158 13.84 -8.65 -2.41
C TYR A 158 13.74 -10.13 -2.11
N SER A 159 14.19 -10.95 -3.06
CA SER A 159 14.15 -12.41 -2.95
C SER A 159 15.11 -12.96 -1.90
N GLU A 160 16.07 -12.12 -1.50
CA GLU A 160 16.93 -12.41 -0.37
C GLU A 160 16.41 -11.80 0.91
N MET A 161 15.85 -10.59 0.80
CA MET A 161 15.32 -9.90 1.97
C MET A 161 14.13 -10.62 2.62
N TYR A 162 13.25 -11.20 1.79
CA TYR A 162 12.07 -11.95 2.24
C TYR A 162 12.00 -13.30 1.53
N ALA A 163 11.35 -14.26 2.18
CA ALA A 163 11.34 -15.63 1.68
C ALA A 163 10.27 -15.81 0.62
N ASN A 164 9.22 -15.00 0.72
CA ASN A 164 8.10 -15.04 -0.21
C ASN A 164 7.18 -13.82 -0.02
N GLY A 165 6.14 -13.73 -0.85
CA GLY A 165 5.20 -12.61 -0.80
C GLY A 165 4.57 -12.42 0.57
N THR A 166 4.28 -13.53 1.25
CA THR A 166 3.61 -13.47 2.54
C THR A 166 4.54 -12.83 3.55
N ASP A 167 5.77 -13.31 3.58
CA ASP A 167 6.80 -12.81 4.48
C ASP A 167 7.00 -11.30 4.24
N MET A 168 7.11 -10.93 2.96
CA MET A 168 7.27 -9.52 2.59
C MET A 168 6.14 -8.62 3.08
N CYS A 169 4.89 -9.04 2.87
CA CYS A 169 3.75 -8.21 3.25
C CYS A 169 3.63 -8.06 4.77
N GLN A 170 4.06 -9.07 5.50
CA GLN A 170 3.99 -9.03 6.95
C GLN A 170 5.14 -8.26 7.55
N SER A 171 6.19 -8.06 6.77
CA SER A 171 7.39 -7.39 7.24
C SER A 171 7.48 -5.94 6.79
N MET A 172 7.16 -5.65 5.53
CA MET A 172 7.46 -4.35 4.90
C MET A 172 7.04 -3.15 5.76
N TRP A 173 5.85 -3.23 6.38
CA TRP A 173 5.30 -2.13 7.17
C TRP A 173 4.95 -2.55 8.60
N GLY A 174 5.71 -3.50 9.15
CA GLY A 174 5.47 -4.00 10.50
C GLY A 174 4.07 -4.55 10.69
N GLU A 175 3.38 -4.10 11.74
CA GLU A 175 2.02 -4.57 12.02
C GLU A 175 0.96 -3.98 11.08
N SER A 176 1.36 -3.12 10.14
CA SER A 176 0.38 -2.41 9.32
C SER A 176 -0.48 -3.37 8.53
N PHE A 177 0.15 -4.37 7.94
CA PHE A 177 -0.53 -5.36 7.11
C PHE A 177 -0.35 -6.79 7.63
N LYS A 178 -1.38 -7.61 7.37
CA LYS A 178 -1.29 -9.05 7.54
C LYS A 178 -1.84 -9.71 6.27
N VAL A 179 -1.55 -10.99 6.10
CA VAL A 179 -2.05 -11.72 4.95
C VAL A 179 -3.23 -12.56 5.39
N SER A 180 -4.39 -12.31 4.80
CA SER A 180 -5.61 -13.01 5.17
C SER A 180 -5.58 -14.47 4.74
N GLU A 181 -6.23 -15.34 5.51
CA GLU A 181 -6.44 -16.72 5.06
C GLU A 181 -7.42 -16.78 3.90
N SER A 182 -8.29 -15.77 3.82
CA SER A 182 -9.33 -15.72 2.79
C SER A 182 -8.85 -15.07 1.50
N SER A 183 -9.28 -15.62 0.37
CA SER A 183 -8.99 -15.09 -0.95
C SER A 183 -9.98 -13.99 -1.36
N CYS A 184 -11.05 -13.81 -0.58
CA CYS A 184 -12.08 -12.79 -0.82
C CYS A 184 -12.10 -11.66 0.19
N LEU A 185 -12.02 -12.00 1.48
CA LEU A 185 -12.07 -11.00 2.57
C LEU A 185 -10.67 -10.43 2.79
N CYS A 186 -10.20 -9.72 1.78
CA CYS A 186 -8.85 -9.22 1.74
C CYS A 186 -8.75 -8.13 0.68
N LEU A 187 -7.81 -7.21 0.87
CA LEU A 187 -7.63 -6.10 -0.08
C LEU A 187 -6.49 -6.38 -1.04
N GLN A 188 -6.70 -6.02 -2.30
CA GLN A 188 -5.65 -6.13 -3.32
C GLN A 188 -5.47 -4.85 -4.15
N MET A 189 -6.01 -3.72 -3.65
CA MET A 189 -5.80 -2.42 -4.27
C MET A 189 -6.24 -2.38 -5.73
N ASN A 190 -7.40 -2.95 -6.01
CA ASN A 190 -8.11 -2.74 -7.26
C ASN A 190 -9.63 -2.77 -6.98
N LYS A 191 -10.46 -2.77 -8.02
CA LYS A 191 -11.91 -2.59 -7.84
C LYS A 191 -12.57 -3.69 -7.02
N LYS A 192 -11.92 -4.85 -6.92
CA LYS A 192 -12.46 -5.94 -6.12
C LYS A 192 -12.53 -5.59 -4.64
N ASP A 193 -11.72 -4.64 -4.19
CA ASP A 193 -11.79 -4.20 -2.78
C ASP A 193 -13.19 -3.70 -2.40
N MET A 194 -13.97 -3.24 -3.37
CA MET A 194 -15.37 -2.85 -3.12
C MET A 194 -16.20 -4.04 -2.65
N VAL A 195 -15.84 -5.24 -3.11
CA VAL A 195 -16.48 -6.46 -2.66
C VAL A 195 -15.98 -6.80 -1.27
N ALA A 196 -14.66 -6.81 -1.11
CA ALA A 196 -14.06 -7.17 0.16
C ALA A 196 -14.55 -6.25 1.28
N ILE A 197 -14.58 -4.94 1.00
CA ILE A 197 -14.82 -3.94 2.03
C ILE A 197 -16.22 -4.06 2.63
N LYS A 198 -17.17 -4.51 1.80
CA LYS A 198 -18.54 -4.70 2.25
C LYS A 198 -18.64 -5.73 3.38
N HIS A 199 -17.79 -6.75 3.33
CA HIS A 199 -17.86 -7.86 4.29
CA HIS A 199 -17.85 -7.86 4.29
C HIS A 199 -16.84 -7.76 5.43
N LEU A 200 -15.79 -6.98 5.23
CA LEU A 200 -14.78 -6.78 6.28
C LEU A 200 -15.31 -5.88 7.41
N LEU A 201 -16.32 -5.07 7.11
CA LEU A 201 -16.86 -4.11 8.08
C LEU A 201 -18.37 -4.28 8.22
N GLU A 215 -19.71 -14.81 6.45
CA GLU A 215 -19.12 -13.71 5.70
C GLU A 215 -18.21 -14.19 4.54
N GLU A 216 -17.52 -15.32 4.72
CA GLU A 216 -16.69 -15.91 3.67
C GLU A 216 -17.51 -16.27 2.43
N HIS A 217 -18.62 -16.97 2.63
CA HIS A 217 -19.44 -17.44 1.50
C HIS A 217 -20.18 -16.30 0.85
N ALA A 218 -20.66 -15.38 1.68
CA ALA A 218 -21.30 -14.16 1.19
C ALA A 218 -20.36 -13.43 0.25
N CYS A 219 -19.14 -13.16 0.72
CA CYS A 219 -18.10 -12.48 -0.04
C CYS A 219 -17.82 -13.17 -1.37
N GLN A 220 -17.68 -14.49 -1.31
CA GLN A 220 -17.25 -15.26 -2.45
C GLN A 220 -18.35 -15.26 -3.54
N LYS A 221 -19.61 -15.19 -3.12
CA LYS A 221 -20.72 -15.12 -4.07
C LYS A 221 -20.74 -13.74 -4.72
N LYS A 222 -20.71 -12.73 -3.86
CA LYS A 222 -20.62 -11.34 -4.27
C LYS A 222 -19.51 -11.15 -5.31
N LEU A 223 -18.37 -11.79 -5.07
CA LEU A 223 -17.21 -11.72 -5.94
C LEU A 223 -17.49 -12.36 -7.30
N LEU A 224 -18.20 -13.48 -7.29
CA LEU A 224 -18.60 -14.11 -8.55
C LEU A 224 -19.44 -13.16 -9.41
N LYS A 225 -20.41 -12.47 -8.80
CA LYS A 225 -21.26 -11.51 -9.53
C LYS A 225 -20.40 -10.40 -10.12
N PHE A 226 -19.47 -9.89 -9.30
CA PHE A 226 -18.54 -8.85 -9.73
C PHE A 226 -17.79 -9.25 -10.98
N GLU A 227 -17.20 -10.44 -10.96
CA GLU A 227 -16.40 -10.93 -12.08
C GLU A 227 -17.25 -11.14 -13.32
N ALA A 228 -18.52 -11.49 -13.13
CA ALA A 228 -19.45 -11.66 -14.24
C ALA A 228 -19.78 -10.31 -14.89
N LEU A 229 -20.10 -9.33 -14.05
CA LEU A 229 -20.51 -7.99 -14.52
C LEU A 229 -19.40 -7.32 -15.34
N GLN A 230 -18.19 -7.35 -14.82
CA GLN A 230 -17.02 -6.90 -15.58
C GLN A 230 -16.81 -7.96 -16.68
N GLN A 231 -17.09 -7.58 -17.93
CA GLN A 231 -17.22 -8.54 -19.05
C GLN A 231 -16.23 -9.71 -18.99
#